data_5TUU
#
_entry.id   5TUU
#
_cell.length_a   73.575
_cell.length_b   37.550
_cell.length_c   109.942
_cell.angle_alpha   90.00
_cell.angle_beta   103.44
_cell.angle_gamma   90.00
#
_symmetry.space_group_name_H-M   'I 1 2 1'
#
loop_
_entity.id
_entity.type
_entity.pdbx_description
1 polymer 'Transcription factor DP1'
2 polymer 'Transcription factor E2F4'
3 non-polymer GLYCEROL
4 water water
#
loop_
_entity_poly.entity_id
_entity_poly.type
_entity_poly.pdbx_seq_one_letter_code
_entity_poly.pdbx_strand_id
1 'polypeptide(L)'
;GEFAQECQNLEVERQRRLERIKQKQSQLQELILQQIAFKNLVQRNRHAEQQASRPPPPNSVIHLPFIIVNTSKKTVIDCS
ISNDKFEYLFNFDNTFEIHDDIEVLKRMGMACGLESGSCSAEDLKMARSLVPKALEPYVTEMAQGTVGGVFITTA
;
A
2 'polypeptide(L)'
;GHMREIADKLIELKAEIEELQQREQELDQHKVWVQQSIRNVTEDVQNSCLAYVTHEDICRCFAGDTLLAIRAPSGTSLEV
PIPEGLNGQKKYQIHLKSVSGPIEVLLVNKE
;
B
#
# COMPACT_ATOMS: atom_id res chain seq x y z
N GLY A 1 -2.63 49.12 14.85
CA GLY A 1 -3.17 47.94 14.21
C GLY A 1 -2.37 46.68 14.48
N GLU A 2 -1.65 46.64 15.59
CA GLU A 2 -0.87 45.48 15.98
C GLU A 2 -1.77 44.24 16.04
N PHE A 3 -2.72 44.24 16.98
CA PHE A 3 -3.65 43.13 17.19
C PHE A 3 -4.15 42.49 15.90
N ALA A 4 -4.49 43.32 14.91
CA ALA A 4 -5.04 42.81 13.67
C ALA A 4 -4.05 41.92 12.93
N GLN A 5 -2.78 42.34 12.88
CA GLN A 5 -1.77 41.58 12.17
C GLN A 5 -1.41 40.30 12.92
N GLU A 6 -1.37 40.34 14.25
CA GLU A 6 -1.10 39.14 15.04
C GLU A 6 -2.22 38.11 14.92
N CYS A 7 -3.46 38.56 14.69
CA CYS A 7 -4.53 37.63 14.35
C CYS A 7 -4.25 36.94 13.02
N GLN A 8 -3.74 37.70 12.03
CA GLN A 8 -3.41 37.10 10.75
C GLN A 8 -2.29 36.08 10.90
N ASN A 9 -1.25 36.42 11.67
CA ASN A 9 -0.10 35.54 11.81
C ASN A 9 -0.42 34.28 12.61
N LEU A 10 -1.51 34.26 13.38
CA LEU A 10 -1.94 33.04 14.05
C LEU A 10 -2.87 32.21 13.20
N GLU A 11 -3.64 32.84 12.31
CA GLU A 11 -4.43 32.08 11.35
C GLU A 11 -3.56 31.48 10.24
N VAL A 12 -2.48 32.16 9.87
CA VAL A 12 -1.49 31.56 8.98
C VAL A 12 -0.98 30.27 9.60
N GLU A 13 -0.34 30.38 10.78
CA GLU A 13 0.21 29.21 11.46
C GLU A 13 -0.84 28.12 11.64
N ARG A 14 -2.06 28.50 12.00
CA ARG A 14 -3.11 27.50 12.19
C ARG A 14 -3.41 26.76 10.90
N GLN A 15 -3.53 27.49 9.79
CA GLN A 15 -3.74 26.85 8.49
C GLN A 15 -2.59 25.91 8.16
N ARG A 16 -1.36 26.33 8.46
CA ARG A 16 -0.20 25.47 8.21
C ARG A 16 -0.25 24.22 9.06
N ARG A 17 -0.57 24.36 10.36
CA ARG A 17 -0.73 23.19 11.21
C ARG A 17 -1.84 22.28 10.72
N LEU A 18 -2.96 22.86 10.30
CA LEU A 18 -4.13 22.06 9.92
C LEU A 18 -3.82 21.15 8.74
N GLU A 19 -3.10 21.67 7.74
CA GLU A 19 -2.87 20.86 6.55
C GLU A 19 -1.76 19.83 6.76
N ARG A 20 -0.78 20.12 7.62
CA ARG A 20 0.14 19.06 8.03
C ARG A 20 -0.59 17.98 8.84
N ILE A 21 -1.65 18.37 9.56
CA ILE A 21 -2.47 17.39 10.25
C ILE A 21 -3.24 16.53 9.24
N LYS A 22 -3.74 17.15 8.17
CA LYS A 22 -4.42 16.40 7.13
C LYS A 22 -3.50 15.39 6.47
N GLN A 23 -2.25 15.78 6.18
CA GLN A 23 -1.33 14.87 5.52
C GLN A 23 -0.97 13.69 6.42
N LYS A 24 -0.69 13.95 7.69
CA LYS A 24 -0.31 12.86 8.58
C LYS A 24 -1.50 11.95 8.89
N GLN A 25 -2.71 12.49 8.89
CA GLN A 25 -3.89 11.65 9.06
C GLN A 25 -4.07 10.72 7.87
N SER A 26 -3.82 11.23 6.66
CA SER A 26 -3.88 10.37 5.48
C SER A 26 -2.78 9.33 5.50
N GLN A 27 -1.56 9.74 5.84
CA GLN A 27 -0.45 8.79 5.92
C GLN A 27 -0.69 7.75 6.99
N LEU A 28 -1.21 8.16 8.15
CA LEU A 28 -1.52 7.20 9.20
C LEU A 28 -2.58 6.20 8.74
N GLN A 29 -3.63 6.69 8.08
CA GLN A 29 -4.68 5.78 7.64
C GLN A 29 -4.17 4.80 6.58
N GLU A 30 -3.24 5.24 5.73
CA GLU A 30 -2.61 4.32 4.79
C GLU A 30 -1.81 3.25 5.52
N LEU A 31 -1.06 3.64 6.55
CA LEU A 31 -0.35 2.65 7.36
C LEU A 31 -1.30 1.68 8.03
N ILE A 32 -2.46 2.17 8.49
CA ILE A 32 -3.43 1.31 9.15
C ILE A 32 -4.01 0.30 8.17
N LEU A 33 -4.28 0.73 6.94
CA LEU A 33 -4.76 -0.20 5.92
C LEU A 33 -3.72 -1.29 5.64
N GLN A 34 -2.44 -0.91 5.56
CA GLN A 34 -1.40 -1.91 5.34
C GLN A 34 -1.35 -2.92 6.48
N GLN A 35 -1.43 -2.45 7.72
CA GLN A 35 -1.45 -3.35 8.87
C GLN A 35 -2.64 -4.31 8.79
N ILE A 36 -3.83 -3.79 8.49
CA ILE A 36 -5.03 -4.63 8.42
C ILE A 36 -4.90 -5.66 7.31
N ALA A 37 -4.57 -5.20 6.10
CA ALA A 37 -4.47 -6.11 4.96
C ALA A 37 -3.43 -7.20 5.21
N PHE A 38 -2.29 -6.83 5.80
CA PHE A 38 -1.23 -7.81 6.02
C PHE A 38 -1.64 -8.83 7.07
N LYS A 39 -2.05 -8.38 8.25
CA LYS A 39 -2.48 -9.31 9.30
C LYS A 39 -3.66 -10.15 8.82
N ASN A 40 -4.56 -9.54 8.04
CA ASN A 40 -5.68 -10.29 7.50
C ASN A 40 -5.21 -11.39 6.56
N LEU A 41 -4.20 -11.10 5.74
CA LEU A 41 -3.69 -12.11 4.80
C LEU A 41 -3.00 -13.24 5.55
N VAL A 42 -2.19 -12.90 6.55
CA VAL A 42 -1.47 -13.90 7.33
C VAL A 42 -2.42 -14.83 8.06
N GLN A 43 -3.57 -14.30 8.50
CA GLN A 43 -4.54 -15.14 9.20
C GLN A 43 -5.31 -16.05 8.25
N ARG A 44 -5.74 -15.49 7.11
CA ARG A 44 -6.46 -16.31 6.13
C ARG A 44 -5.60 -17.48 5.67
N ASN A 45 -4.34 -17.21 5.34
CA ASN A 45 -3.42 -18.27 4.93
C ASN A 45 -3.12 -19.22 6.08
N ARG A 46 -3.03 -18.69 7.31
CA ARG A 46 -2.78 -19.55 8.45
C ARG A 46 -3.88 -20.58 8.62
N HIS A 47 -5.15 -20.14 8.60
CA HIS A 47 -6.25 -21.07 8.74
C HIS A 47 -6.36 -21.99 7.53
N ALA A 48 -6.09 -21.47 6.34
CA ALA A 48 -6.12 -22.31 5.14
C ALA A 48 -5.12 -23.45 5.27
N GLU A 49 -3.90 -23.16 5.74
CA GLU A 49 -2.87 -24.18 5.84
C GLU A 49 -3.19 -25.20 6.93
N GLN A 50 -3.66 -24.74 8.09
CA GLN A 50 -4.00 -25.67 9.16
C GLN A 50 -5.35 -26.34 8.96
N GLN A 51 -5.91 -26.24 7.75
CA GLN A 51 -7.00 -27.09 7.29
C GLN A 51 -6.51 -28.14 6.29
N ALA A 52 -5.72 -27.71 5.30
CA ALA A 52 -5.09 -28.64 4.37
C ALA A 52 -4.05 -29.52 5.02
N SER A 53 -3.69 -29.23 6.29
CA SER A 53 -2.67 -29.97 7.03
C SER A 53 -1.32 -29.91 6.34
N ARG A 54 -0.98 -28.75 5.72
CA ARG A 54 0.17 -28.69 4.82
C ARG A 54 0.33 -27.30 4.19
N PRO A 55 1.56 -26.87 3.90
CA PRO A 55 1.76 -25.58 3.20
C PRO A 55 1.74 -25.76 1.69
N PRO A 56 1.14 -24.82 0.95
CA PRO A 56 0.85 -25.02 -0.49
C PRO A 56 2.08 -25.43 -1.27
N PRO A 57 1.92 -25.96 -2.49
CA PRO A 57 3.10 -26.37 -3.28
C PRO A 57 4.06 -25.21 -3.47
N PRO A 58 5.31 -25.49 -3.84
CA PRO A 58 6.27 -24.39 -4.03
C PRO A 58 5.79 -23.37 -5.05
N ASN A 59 5.32 -23.83 -6.20
CA ASN A 59 4.62 -22.97 -7.13
C ASN A 59 3.21 -22.70 -6.60
N SER A 60 2.29 -22.24 -7.46
CA SER A 60 0.92 -21.97 -7.05
C SER A 60 0.81 -20.88 -5.99
N VAL A 61 1.92 -20.26 -5.62
CA VAL A 61 1.94 -19.29 -4.51
C VAL A 61 3.04 -18.27 -4.79
N ILE A 62 2.71 -16.99 -4.57
CA ILE A 62 3.63 -15.87 -4.80
C ILE A 62 3.83 -15.19 -3.46
N HIS A 63 5.06 -15.28 -2.93
CA HIS A 63 5.36 -14.69 -1.63
C HIS A 63 5.67 -13.20 -1.74
N LEU A 64 5.28 -12.46 -0.72
CA LEU A 64 5.63 -11.05 -0.62
C LEU A 64 7.12 -10.95 -0.27
N PRO A 65 7.78 -9.85 -0.69
CA PRO A 65 7.26 -8.74 -1.52
C PRO A 65 7.26 -9.07 -3.01
N PHE A 66 6.34 -8.46 -3.77
CA PHE A 66 6.29 -8.64 -5.22
C PHE A 66 5.59 -7.43 -5.83
N ILE A 67 5.69 -7.35 -7.17
CA ILE A 67 4.88 -6.44 -7.97
C ILE A 67 4.32 -7.24 -9.14
N ILE A 68 3.20 -6.76 -9.66
CA ILE A 68 2.48 -7.43 -10.73
C ILE A 68 2.47 -6.54 -11.97
N VAL A 69 2.76 -7.13 -13.12
CA VAL A 69 2.54 -6.50 -14.42
C VAL A 69 1.38 -7.22 -15.06
N ASN A 70 0.30 -6.50 -15.35
CA ASN A 70 -0.85 -7.10 -16.01
C ASN A 70 -1.04 -6.48 -17.39
N THR A 71 -1.42 -7.33 -18.34
CA THR A 71 -1.71 -6.89 -19.70
C THR A 71 -2.76 -7.82 -20.27
N SER A 72 -3.43 -7.35 -21.33
CA SER A 72 -4.50 -8.13 -21.96
C SER A 72 -4.00 -9.51 -22.35
N LYS A 73 -4.92 -10.49 -22.30
CA LYS A 73 -4.56 -11.86 -22.64
C LYS A 73 -4.05 -11.97 -24.07
N LYS A 74 -4.47 -11.07 -24.95
CA LYS A 74 -4.07 -11.12 -26.35
C LYS A 74 -2.81 -10.30 -26.64
N THR A 75 -2.16 -9.75 -25.62
CA THR A 75 -0.92 -9.01 -25.80
C THR A 75 0.23 -9.99 -26.06
N VAL A 76 1.03 -9.71 -27.07
CA VAL A 76 2.21 -10.51 -27.36
C VAL A 76 3.37 -9.96 -26.54
N ILE A 77 3.98 -10.83 -25.72
CA ILE A 77 5.15 -10.48 -24.93
C ILE A 77 6.34 -11.28 -25.44
N ASP A 78 7.49 -10.62 -25.55
CA ASP A 78 8.74 -11.33 -25.75
C ASP A 78 9.75 -10.82 -24.73
N CYS A 79 10.72 -11.66 -24.41
CA CYS A 79 11.57 -11.42 -23.27
C CYS A 79 13.01 -11.83 -23.55
N SER A 80 13.95 -11.02 -23.07
CA SER A 80 15.35 -11.39 -22.98
C SER A 80 15.76 -11.44 -21.51
N ILE A 81 16.63 -12.38 -21.16
CA ILE A 81 17.07 -12.56 -19.78
C ILE A 81 18.58 -12.78 -19.78
N SER A 82 19.28 -12.11 -18.86
CA SER A 82 20.69 -12.37 -18.65
C SER A 82 20.87 -13.70 -17.90
N ASN A 83 22.08 -14.26 -17.99
CA ASN A 83 22.35 -15.55 -17.37
C ASN A 83 22.21 -15.48 -15.85
N ASP A 84 22.77 -14.42 -15.24
CA ASP A 84 22.70 -14.27 -13.80
C ASP A 84 21.31 -13.87 -13.31
N LYS A 85 20.40 -13.54 -14.22
CA LYS A 85 19.03 -13.09 -13.92
C LYS A 85 19.02 -11.73 -13.22
N PHE A 86 20.06 -10.92 -13.43
CA PHE A 86 20.08 -9.56 -12.94
C PHE A 86 19.50 -8.56 -13.94
N GLU A 87 19.25 -8.99 -15.18
CA GLU A 87 18.72 -8.09 -16.19
C GLU A 87 17.66 -8.81 -17.02
N TYR A 88 16.47 -8.20 -17.12
CA TYR A 88 15.41 -8.65 -18.02
C TYR A 88 14.99 -7.49 -18.91
N LEU A 89 14.54 -7.84 -20.11
CA LEU A 89 13.96 -6.88 -21.04
C LEU A 89 12.71 -7.50 -21.65
N PHE A 90 11.57 -6.84 -21.47
CA PHE A 90 10.29 -7.30 -21.99
C PHE A 90 9.78 -6.31 -23.04
N ASN A 91 9.31 -6.84 -24.17
CA ASN A 91 8.57 -6.07 -25.16
C ASN A 91 7.11 -6.47 -25.14
N PHE A 92 6.22 -5.48 -25.12
CA PHE A 92 4.78 -5.69 -25.23
C PHE A 92 4.28 -4.97 -26.49
N ASP A 93 3.29 -5.55 -27.15
CA ASP A 93 2.67 -4.91 -28.30
C ASP A 93 1.38 -4.18 -27.90
N ASN A 94 1.12 -4.04 -26.61
CA ASN A 94 -0.05 -3.33 -26.11
C ASN A 94 0.26 -2.90 -24.69
N THR A 95 -0.61 -2.06 -24.13
CA THR A 95 -0.33 -1.44 -22.85
C THR A 95 -0.31 -2.47 -21.72
N PHE A 96 0.38 -2.11 -20.65
CA PHE A 96 0.41 -2.88 -19.42
C PHE A 96 0.28 -1.91 -18.25
N GLU A 97 -0.03 -2.46 -17.08
CA GLU A 97 0.02 -1.71 -15.84
C GLU A 97 0.89 -2.44 -14.83
N ILE A 98 1.34 -1.72 -13.82
CA ILE A 98 2.17 -2.26 -12.76
C ILE A 98 1.53 -1.93 -11.43
N HIS A 99 1.48 -2.91 -10.53
CA HIS A 99 0.86 -2.74 -9.23
C HIS A 99 1.75 -3.34 -8.17
N ASP A 100 1.84 -2.66 -7.04
CA ASP A 100 2.56 -3.15 -5.88
C ASP A 100 1.73 -4.22 -5.16
N ASP A 101 2.42 -5.00 -4.33
CA ASP A 101 1.74 -6.10 -3.63
C ASP A 101 0.64 -5.57 -2.70
N ILE A 102 0.88 -4.44 -2.05
CA ILE A 102 -0.11 -3.91 -1.10
C ILE A 102 -1.41 -3.58 -1.80
N GLU A 103 -1.36 -3.07 -3.03
CA GLU A 103 -2.60 -2.74 -3.71
C GLU A 103 -3.28 -3.98 -4.30
N VAL A 104 -2.50 -5.02 -4.63
CA VAL A 104 -3.11 -6.32 -4.91
C VAL A 104 -3.87 -6.82 -3.68
N LEU A 105 -3.27 -6.65 -2.49
CA LEU A 105 -3.93 -7.07 -1.26
C LEU A 105 -5.22 -6.30 -1.03
N LYS A 106 -5.22 -5.00 -1.35
CA LYS A 106 -6.45 -4.23 -1.23
C LYS A 106 -7.50 -4.74 -2.20
N ARG A 107 -7.09 -5.08 -3.44
CA ARG A 107 -8.03 -5.58 -4.43
C ARG A 107 -8.59 -6.94 -4.00
N MET A 108 -7.77 -7.75 -3.33
CA MET A 108 -8.29 -9.01 -2.81
C MET A 108 -9.35 -8.79 -1.76
N GLY A 109 -9.46 -7.58 -1.22
CA GLY A 109 -10.37 -7.30 -0.13
C GLY A 109 -9.76 -7.45 1.24
N MET A 110 -8.44 -7.60 1.34
CA MET A 110 -7.80 -7.85 2.62
C MET A 110 -7.82 -6.64 3.54
N ALA A 111 -7.92 -5.42 2.99
CA ALA A 111 -8.17 -4.25 3.82
C ALA A 111 -9.65 -4.07 4.13
N CYS A 112 -10.43 -5.14 3.99
CA CYS A 112 -11.85 -5.19 4.37
C CYS A 112 -12.67 -4.10 3.68
N GLY A 113 -12.25 -3.69 2.48
CA GLY A 113 -12.94 -2.65 1.76
C GLY A 113 -12.80 -1.26 2.36
N LEU A 114 -12.10 -1.11 3.49
CA LEU A 114 -11.91 0.21 4.07
C LEU A 114 -11.28 1.19 3.08
N GLU A 115 -10.50 0.69 2.13
CA GLU A 115 -9.85 1.51 1.12
C GLU A 115 -10.86 2.27 0.28
N SER A 116 -12.15 1.97 0.45
CA SER A 116 -13.20 2.56 -0.37
C SER A 116 -14.36 3.10 0.45
N GLY A 117 -14.20 3.27 1.76
CA GLY A 117 -15.31 3.67 2.59
C GLY A 117 -16.46 2.68 2.64
N SER A 118 -16.28 1.49 2.08
CA SER A 118 -17.31 0.47 2.02
C SER A 118 -16.88 -0.70 2.90
N CYS A 119 -17.71 -1.06 3.87
CA CYS A 119 -17.32 -2.08 4.84
C CYS A 119 -18.56 -2.80 5.33
N SER A 120 -18.54 -4.14 5.26
CA SER A 120 -19.58 -4.92 5.88
C SER A 120 -19.53 -4.75 7.40
N ALA A 121 -20.58 -5.23 8.07
CA ALA A 121 -20.50 -5.37 9.51
C ALA A 121 -19.52 -6.46 9.91
N GLU A 122 -19.51 -7.57 9.15
CA GLU A 122 -18.53 -8.63 9.35
C GLU A 122 -17.13 -8.24 8.89
N ASP A 123 -17.01 -7.14 8.15
CA ASP A 123 -15.72 -6.61 7.72
C ASP A 123 -15.12 -5.65 8.73
N LEU A 124 -15.91 -4.71 9.27
CA LEU A 124 -15.41 -3.83 10.31
C LEU A 124 -15.21 -4.55 11.63
N LYS A 125 -15.96 -5.63 11.87
CA LYS A 125 -15.65 -6.47 13.03
C LYS A 125 -14.21 -6.95 12.97
N MET A 126 -13.78 -7.53 11.84
CA MET A 126 -12.43 -8.05 11.79
C MET A 126 -11.40 -6.93 11.62
N ALA A 127 -11.74 -5.90 10.84
CA ALA A 127 -10.80 -4.80 10.66
C ALA A 127 -10.44 -4.17 12.00
N ARG A 128 -11.45 -3.90 12.81
CA ARG A 128 -11.19 -3.33 14.13
C ARG A 128 -10.46 -4.32 15.03
N SER A 129 -10.64 -5.63 14.81
CA SER A 129 -9.98 -6.59 15.69
C SER A 129 -8.50 -6.70 15.38
N LEU A 130 -8.07 -6.21 14.22
CA LEU A 130 -6.69 -6.38 13.78
C LEU A 130 -5.79 -5.21 14.14
N VAL A 131 -6.32 -4.17 14.77
CA VAL A 131 -5.50 -3.00 15.10
C VAL A 131 -5.46 -2.80 16.61
N PRO A 132 -4.43 -2.14 17.14
CA PRO A 132 -4.41 -1.79 18.56
C PRO A 132 -5.67 -1.02 18.95
N LYS A 133 -6.05 -1.15 20.22
CA LYS A 133 -7.34 -0.64 20.68
C LYS A 133 -7.49 0.86 20.44
N ALA A 134 -6.39 1.61 20.47
CA ALA A 134 -6.47 3.07 20.41
C ALA A 134 -6.74 3.61 19.01
N LEU A 135 -6.48 2.82 17.98
CA LEU A 135 -6.67 3.26 16.59
C LEU A 135 -7.93 2.67 15.96
N GLU A 136 -8.74 1.96 16.74
CA GLU A 136 -10.09 1.66 16.30
C GLU A 136 -10.92 2.90 15.95
N PRO A 137 -10.76 4.06 16.62
CA PRO A 137 -11.43 5.27 16.13
C PRO A 137 -11.15 5.59 14.66
N TYR A 138 -9.91 5.46 14.22
CA TYR A 138 -9.60 5.72 12.80
C TYR A 138 -10.37 4.75 11.91
N VAL A 139 -10.33 3.45 12.23
CA VAL A 139 -10.97 2.44 11.41
C VAL A 139 -12.46 2.71 11.27
N THR A 140 -13.14 3.02 12.39
CA THR A 140 -14.55 3.35 12.32
C THR A 140 -14.79 4.57 11.45
N GLU A 141 -13.86 5.53 11.48
CA GLU A 141 -14.01 6.74 10.67
C GLU A 141 -13.91 6.42 9.19
N MET A 142 -12.92 5.61 8.80
CA MET A 142 -12.71 5.29 7.39
C MET A 142 -13.84 4.44 6.82
N ALA A 143 -14.66 3.82 7.66
CA ALA A 143 -15.93 3.24 7.21
C ALA A 143 -17.07 4.25 7.28
N GLN A 144 -16.76 5.54 7.11
CA GLN A 144 -17.74 6.62 7.14
C GLN A 144 -18.51 6.65 8.46
N ARG B 4 -16.93 38.20 24.22
CA ARG B 4 -17.30 39.28 25.14
C ARG B 4 -16.15 40.26 25.30
N GLU B 5 -15.08 39.84 25.99
CA GLU B 5 -13.85 40.63 26.03
C GLU B 5 -13.42 40.92 24.60
N ILE B 6 -13.37 42.21 24.25
CA ILE B 6 -13.34 42.60 22.85
C ILE B 6 -12.15 41.93 22.19
N ALA B 7 -12.33 41.56 20.92
CA ALA B 7 -11.29 40.91 20.16
C ALA B 7 -10.88 39.63 20.88
N ASP B 8 -9.66 39.65 21.42
CA ASP B 8 -9.02 38.54 22.12
C ASP B 8 -9.39 37.20 21.50
N LYS B 9 -9.46 37.19 20.17
CA LYS B 9 -9.29 35.97 19.42
C LYS B 9 -7.88 35.44 19.59
N LEU B 10 -6.97 36.25 20.14
CA LEU B 10 -5.60 35.82 20.40
C LEU B 10 -5.57 34.63 21.36
N ILE B 11 -6.08 34.83 22.58
CA ILE B 11 -6.14 33.76 23.55
C ILE B 11 -6.91 32.58 23.00
N GLU B 12 -7.90 32.83 22.15
CA GLU B 12 -8.65 31.76 21.51
C GLU B 12 -7.85 31.12 20.38
N LEU B 13 -7.21 31.93 19.53
CA LEU B 13 -6.38 31.37 18.47
C LEU B 13 -5.14 30.69 19.06
N LYS B 14 -4.53 31.31 20.07
CA LYS B 14 -3.37 30.69 20.71
C LYS B 14 -3.75 29.39 21.38
N ALA B 15 -4.90 29.34 22.04
CA ALA B 15 -5.36 28.10 22.66
C ALA B 15 -5.65 27.05 21.61
N GLU B 16 -6.22 27.45 20.47
CA GLU B 16 -6.52 26.50 19.41
C GLU B 16 -5.25 25.94 18.80
N ILE B 17 -4.24 26.79 18.62
CA ILE B 17 -2.96 26.34 18.06
C ILE B 17 -2.29 25.34 18.99
N GLU B 18 -2.47 25.53 20.31
CA GLU B 18 -1.93 24.58 21.28
C GLU B 18 -2.50 23.18 21.03
N GLU B 19 -3.82 23.07 20.85
CA GLU B 19 -4.41 21.75 20.64
C GLU B 19 -4.01 21.15 19.30
N LEU B 20 -3.83 22.00 18.26
CA LEU B 20 -3.36 21.49 16.98
C LEU B 20 -1.98 20.87 17.10
N GLN B 21 -1.16 21.36 18.05
CA GLN B 21 0.09 20.66 18.34
C GLN B 21 -0.17 19.32 19.02
N GLN B 22 -1.14 19.29 19.95
CA GLN B 22 -1.49 18.05 20.60
C GLN B 22 -2.01 17.04 19.58
N ARG B 23 -2.81 17.49 18.61
CA ARG B 23 -3.28 16.58 17.58
C ARG B 23 -2.13 16.09 16.70
N GLU B 24 -1.18 16.97 16.38
CA GLU B 24 -0.10 16.59 15.48
C GLU B 24 0.81 15.53 16.11
N GLN B 25 1.28 15.78 17.33
CA GLN B 25 2.16 14.80 17.94
C GLN B 25 1.41 13.55 18.40
N GLU B 26 0.08 13.58 18.48
CA GLU B 26 -0.68 12.35 18.69
C GLU B 26 -0.65 11.50 17.44
N LEU B 27 -0.83 12.13 16.27
CA LEU B 27 -0.73 11.40 15.00
C LEU B 27 0.69 10.90 14.78
N ASP B 28 1.69 11.75 14.99
CA ASP B 28 3.08 11.32 14.87
C ASP B 28 3.37 10.11 15.74
N GLN B 29 2.87 10.13 16.98
CA GLN B 29 3.03 9.00 17.88
C GLN B 29 2.24 7.78 17.43
N HIS B 30 1.04 7.96 16.86
CA HIS B 30 0.29 6.82 16.36
C HIS B 30 0.99 6.17 15.17
N LYS B 31 1.67 6.97 14.35
CA LYS B 31 2.36 6.43 13.18
C LYS B 31 3.50 5.51 13.60
N VAL B 32 4.35 5.98 14.52
CA VAL B 32 5.44 5.13 15.00
C VAL B 32 4.89 3.90 15.72
N TRP B 33 3.67 3.98 16.24
CA TRP B 33 3.00 2.80 16.77
C TRP B 33 2.70 1.80 15.66
N VAL B 34 1.97 2.24 14.63
CA VAL B 34 1.62 1.34 13.53
C VAL B 34 2.88 0.81 12.84
N GLN B 35 3.89 1.67 12.71
CA GLN B 35 5.13 1.24 12.07
C GLN B 35 5.82 0.15 12.88
N GLN B 36 6.04 0.39 14.17
CA GLN B 36 6.57 -0.66 15.03
C GLN B 36 5.67 -1.89 15.03
N SER B 37 4.35 -1.66 14.98
CA SER B 37 3.41 -2.79 14.92
C SER B 37 3.56 -3.54 13.61
N ILE B 38 3.73 -2.83 12.50
CA ILE B 38 3.85 -3.47 11.20
C ILE B 38 5.09 -4.36 11.16
N ARG B 39 6.26 -3.80 11.50
CA ARG B 39 7.50 -4.56 11.35
C ARG B 39 7.52 -5.78 12.26
N ASN B 40 6.86 -5.70 13.42
CA ASN B 40 6.90 -6.82 14.36
C ASN B 40 6.01 -7.97 13.95
N VAL B 41 5.06 -7.76 13.05
CA VAL B 41 4.30 -8.89 12.52
C VAL B 41 4.91 -9.41 11.23
N THR B 42 5.63 -8.55 10.48
CA THR B 42 6.24 -8.98 9.23
C THR B 42 7.55 -9.73 9.49
N GLU B 43 8.58 -8.99 9.90
CA GLU B 43 9.96 -9.48 10.04
C GLU B 43 10.09 -10.76 10.84
N ASP B 44 9.05 -11.12 11.55
CA ASP B 44 9.16 -12.11 12.59
C ASP B 44 8.66 -13.46 12.09
N VAL B 45 9.07 -14.53 12.78
CA VAL B 45 9.24 -15.83 12.14
C VAL B 45 7.99 -16.71 12.13
N GLN B 46 7.06 -16.59 13.08
CA GLN B 46 5.86 -17.43 12.92
C GLN B 46 4.94 -16.91 11.83
N ASN B 47 5.24 -15.73 11.27
CA ASN B 47 4.66 -15.29 10.01
C ASN B 47 5.68 -15.35 8.89
N SER B 48 6.71 -16.19 9.03
CA SER B 48 7.74 -16.32 7.98
C SER B 48 7.11 -16.69 6.64
N CYS B 49 6.41 -17.82 6.60
CA CYS B 49 5.92 -18.38 5.34
C CYS B 49 4.44 -18.11 5.10
N LEU B 50 3.84 -17.16 5.81
CA LEU B 50 2.42 -16.87 5.66
C LEU B 50 2.13 -15.62 4.83
N ALA B 51 3.15 -14.93 4.32
CA ALA B 51 2.94 -13.70 3.55
C ALA B 51 3.00 -14.03 2.06
N TYR B 52 1.87 -14.45 1.53
CA TYR B 52 1.81 -14.83 0.12
C TYR B 52 0.37 -14.75 -0.36
N VAL B 53 0.21 -14.63 -1.68
CA VAL B 53 -1.06 -14.72 -2.36
C VAL B 53 -1.04 -15.95 -3.26
N THR B 54 -2.21 -16.51 -3.55
CA THR B 54 -2.26 -17.69 -4.41
C THR B 54 -2.41 -17.29 -5.87
N HIS B 55 -2.20 -18.27 -6.75
CA HIS B 55 -2.51 -18.13 -8.16
C HIS B 55 -3.93 -17.61 -8.36
N GLU B 56 -4.89 -18.16 -7.61
CA GLU B 56 -6.28 -17.75 -7.76
C GLU B 56 -6.49 -16.31 -7.31
N ASP B 57 -5.90 -15.93 -6.18
CA ASP B 57 -6.01 -14.55 -5.70
C ASP B 57 -5.66 -13.56 -6.80
N ILE B 58 -4.48 -13.75 -7.42
CA ILE B 58 -3.97 -12.78 -8.37
C ILE B 58 -4.80 -12.79 -9.65
N CYS B 59 -5.11 -13.98 -10.17
CA CYS B 59 -5.88 -14.09 -11.42
C CYS B 59 -7.22 -13.38 -11.32
N ARG B 60 -7.82 -13.35 -10.13
CA ARG B 60 -9.17 -12.80 -9.98
C ARG B 60 -9.15 -11.28 -9.82
N CYS B 61 -8.05 -10.72 -9.32
CA CYS B 61 -7.91 -9.26 -9.30
C CYS B 61 -7.80 -8.70 -10.72
N PHE B 62 -7.28 -9.48 -11.67
CA PHE B 62 -7.08 -9.04 -13.05
C PHE B 62 -7.64 -10.14 -13.96
N ALA B 63 -8.96 -10.33 -13.90
CA ALA B 63 -9.59 -11.38 -14.68
C ALA B 63 -9.32 -11.19 -16.16
N GLY B 64 -8.85 -12.25 -16.82
CA GLY B 64 -8.60 -12.19 -18.24
C GLY B 64 -7.33 -11.50 -18.65
N ASP B 65 -6.40 -11.29 -17.73
CA ASP B 65 -5.12 -10.67 -18.03
C ASP B 65 -4.00 -11.70 -17.95
N THR B 66 -3.06 -11.61 -18.88
CA THR B 66 -1.75 -12.21 -18.67
C THR B 66 -1.05 -11.47 -17.54
N LEU B 67 -0.38 -12.21 -16.66
CA LEU B 67 0.15 -11.65 -15.42
C LEU B 67 1.58 -12.07 -15.22
N LEU B 68 2.46 -11.10 -14.94
CA LEU B 68 3.81 -11.35 -14.51
C LEU B 68 3.95 -10.90 -13.06
N ALA B 69 4.54 -11.75 -12.22
CA ALA B 69 4.91 -11.38 -10.87
C ALA B 69 6.42 -11.23 -10.83
N ILE B 70 6.90 -10.01 -10.58
CA ILE B 70 8.32 -9.73 -10.48
C ILE B 70 8.72 -9.76 -9.01
N ARG B 71 9.72 -10.55 -8.67
CA ARG B 71 10.31 -10.55 -7.34
C ARG B 71 11.77 -10.13 -7.47
N ALA B 72 12.08 -8.91 -7.02
CA ALA B 72 13.38 -8.30 -7.22
C ALA B 72 13.80 -7.57 -5.96
N PRO B 73 15.10 -7.39 -5.76
CA PRO B 73 15.57 -6.62 -4.59
C PRO B 73 15.09 -5.18 -4.68
N SER B 74 14.80 -4.61 -3.51
CA SER B 74 14.29 -3.24 -3.48
C SER B 74 15.34 -2.27 -3.99
N GLY B 75 14.89 -1.25 -4.72
CA GLY B 75 15.78 -0.33 -5.39
C GLY B 75 16.17 -0.75 -6.79
N THR B 76 15.95 -2.02 -7.15
CA THR B 76 16.09 -2.47 -8.53
C THR B 76 15.40 -1.49 -9.47
N SER B 77 16.05 -1.23 -10.60
CA SER B 77 15.59 -0.24 -11.56
C SER B 77 14.57 -0.87 -12.50
N LEU B 78 13.40 -0.26 -12.59
CA LEU B 78 12.36 -0.67 -13.54
C LEU B 78 12.13 0.51 -14.48
N GLU B 79 12.50 0.33 -15.75
CA GLU B 79 12.55 1.43 -16.71
C GLU B 79 11.58 1.19 -17.84
N VAL B 80 10.77 2.20 -18.16
CA VAL B 80 9.83 2.14 -19.25
C VAL B 80 10.10 3.29 -20.21
N PRO B 81 10.39 3.03 -21.48
CA PRO B 81 10.54 4.13 -22.44
C PRO B 81 9.21 4.85 -22.62
N ILE B 82 9.27 6.17 -22.69
CA ILE B 82 8.07 6.92 -23.05
C ILE B 82 7.71 6.60 -24.50
N PRO B 83 6.48 6.21 -24.80
CA PRO B 83 6.18 5.68 -26.12
C PRO B 83 6.14 6.77 -27.17
N GLU B 84 6.15 6.34 -28.42
CA GLU B 84 5.86 7.25 -29.52
C GLU B 84 4.38 7.58 -29.53
N GLY B 85 4.04 8.71 -30.15
CA GLY B 85 2.66 9.03 -30.41
C GLY B 85 2.14 8.25 -31.59
N LEU B 86 0.85 8.43 -31.88
CA LEU B 86 0.31 7.93 -33.14
C LEU B 86 1.09 8.57 -34.29
N ASN B 87 1.26 7.80 -35.36
CA ASN B 87 2.16 7.99 -36.51
C ASN B 87 3.52 7.34 -36.22
N GLY B 88 3.73 6.83 -35.02
CA GLY B 88 4.82 5.92 -34.76
C GLY B 88 4.24 4.60 -34.28
N GLN B 89 5.03 3.52 -34.35
CA GLN B 89 4.57 2.24 -33.82
C GLN B 89 4.55 2.30 -32.30
N LYS B 90 3.38 2.05 -31.71
CA LYS B 90 3.27 2.13 -30.26
C LYS B 90 3.71 0.79 -29.67
N LYS B 91 4.97 0.74 -29.28
CA LYS B 91 5.55 -0.40 -28.58
C LYS B 91 5.83 -0.03 -27.14
N TYR B 92 5.70 -1.01 -26.24
CA TYR B 92 5.91 -0.79 -24.82
C TYR B 92 6.93 -1.78 -24.30
N GLN B 93 7.66 -1.37 -23.26
CA GLN B 93 8.88 -2.07 -22.89
C GLN B 93 9.13 -1.92 -21.39
N ILE B 94 9.68 -2.97 -20.78
CA ILE B 94 10.10 -2.96 -19.39
C ILE B 94 11.55 -3.43 -19.32
N HIS B 95 12.41 -2.63 -18.73
CA HIS B 95 13.80 -3.00 -18.50
C HIS B 95 14.03 -3.12 -17.00
N LEU B 96 14.44 -4.31 -16.58
CA LEU B 96 14.76 -4.59 -15.18
C LEU B 96 16.26 -4.80 -15.06
N LYS B 97 16.90 -4.08 -14.15
CA LYS B 97 18.30 -4.33 -13.82
C LYS B 97 18.49 -4.18 -12.32
N SER B 98 19.00 -5.24 -11.69
CA SER B 98 19.34 -5.22 -10.29
C SER B 98 20.85 -5.23 -10.10
N VAL B 99 21.29 -4.72 -8.96
CA VAL B 99 22.66 -4.85 -8.54
C VAL B 99 22.80 -5.81 -7.35
N SER B 100 21.77 -5.94 -6.52
CA SER B 100 21.87 -6.67 -5.26
C SER B 100 21.87 -8.18 -5.48
N GLY B 101 20.78 -8.70 -6.05
CA GLY B 101 20.66 -10.11 -6.30
C GLY B 101 19.84 -10.37 -7.55
N PRO B 102 19.68 -11.64 -7.92
CA PRO B 102 18.91 -11.96 -9.13
C PRO B 102 17.44 -11.62 -8.95
N ILE B 103 16.75 -11.53 -10.07
CA ILE B 103 15.33 -11.21 -10.11
C ILE B 103 14.54 -12.44 -10.51
N GLU B 104 13.40 -12.64 -9.85
CA GLU B 104 12.51 -13.76 -10.11
C GLU B 104 11.27 -13.21 -10.81
N VAL B 105 10.95 -13.78 -11.97
CA VAL B 105 9.77 -13.38 -12.73
C VAL B 105 8.92 -14.61 -12.94
N LEU B 106 7.66 -14.55 -12.49
CA LEU B 106 6.73 -15.66 -12.57
C LEU B 106 5.66 -15.37 -13.60
N LEU B 107 5.49 -16.27 -14.57
CA LEU B 107 4.38 -16.17 -15.48
C LEU B 107 3.14 -16.77 -14.80
N VAL B 108 2.13 -15.94 -14.58
CA VAL B 108 0.88 -16.37 -13.96
C VAL B 108 -0.19 -16.60 -15.02
N ASN B 109 -0.38 -15.63 -15.91
CA ASN B 109 -1.38 -15.71 -16.97
C ASN B 109 -2.77 -15.94 -16.40
#